data_3QCX
#
_entry.id   3QCX
#
_cell.length_a   123.352
_cell.length_b   123.352
_cell.length_c   46.963
_cell.angle_alpha   90.000
_cell.angle_beta   90.000
_cell.angle_gamma   120.000
#
_symmetry.space_group_name_H-M   'P 32 2 1'
#
loop_
_entity.id
_entity.type
_entity.pdbx_description
1 polymer '3-phosphoinositide-dependent protein kinase 1'
2 non-polymer GLYCEROL
3 non-polymer 'SULFATE ION'
4 non-polymer 6-{2-amino-6-[(3R)-3-methylmorpholin-4-yl]pyrimidin-4-yl}-2H-indazol-3-amine
5 water water
#
_entity_poly.entity_id   1
_entity_poly.type   'polypeptide(L)'
_entity_poly.pdbx_seq_one_letter_code
;GPAMDGTAAEPRPGAGSLQHAQPPPQPRKKRPEDFKFGKILGEGSFSTVVLARELATSREYAIKILEKRHIIKENKVPYV
TRERDVMSRLDHPFFVKLYFTFQDDEKLYFGLSYAKNGELLKYIRKIGSFDETCTRFYTAEIVSALEYLHGKGIIHRDLK
PENILLNEDMHIQITDFGTAKVLSPESKQARAN(SEP)FVGTAQYVSPELLTEKSACKSSDLWALGCIIYQLVAGLPPFR
AGNEYLIFQKIIKLEYDFPEKFFPKARDLVEKLLVLDATKRLGCEEMEGYGPLKAHPFFESVTWENLHQQTPPKLT
;
_entity_poly.pdbx_strand_id   A
#
# COMPACT_ATOMS: atom_id res chain seq x y z
N GLN A 26 23.42 -13.11 -15.35
CA GLN A 26 22.52 -13.35 -14.22
C GLN A 26 23.03 -14.40 -13.22
N PRO A 27 22.81 -14.14 -11.91
CA PRO A 27 23.23 -15.04 -10.83
C PRO A 27 22.44 -16.34 -10.86
N ARG A 28 23.02 -17.43 -10.36
CA ARG A 28 22.35 -18.74 -10.29
C ARG A 28 20.95 -18.65 -9.68
N LYS A 29 20.14 -19.68 -9.90
CA LYS A 29 18.84 -19.77 -9.24
C LYS A 29 19.06 -20.10 -7.75
N LYS A 30 18.50 -19.30 -6.86
CA LYS A 30 18.70 -19.56 -5.44
C LYS A 30 17.88 -20.76 -4.95
N ARG A 31 18.20 -21.26 -3.76
CA ARG A 31 17.49 -22.38 -3.16
C ARG A 31 17.38 -22.21 -1.64
N PRO A 32 16.44 -22.93 -1.01
CA PRO A 32 16.26 -22.72 0.44
C PRO A 32 17.56 -22.86 1.25
N GLU A 33 18.44 -23.76 0.85
CA GLU A 33 19.67 -24.00 1.60
C GLU A 33 20.58 -22.77 1.51
N ASP A 34 20.28 -21.87 0.58
CA ASP A 34 21.07 -20.64 0.44
C ASP A 34 20.83 -19.65 1.59
N PHE A 35 19.80 -19.91 2.38
CA PHE A 35 19.38 -18.99 3.43
C PHE A 35 19.34 -19.60 4.81
N LYS A 36 19.55 -18.74 5.80
CA LYS A 36 19.18 -19.01 7.18
C LYS A 36 17.83 -18.32 7.43
N PHE A 37 16.76 -19.10 7.58
CA PHE A 37 15.47 -18.50 7.90
C PHE A 37 15.31 -18.12 9.39
N GLY A 38 14.56 -17.05 9.64
CA GLY A 38 14.28 -16.61 10.99
C GLY A 38 12.79 -16.38 11.28
N LYS A 39 12.48 -15.22 11.80
CA LYS A 39 11.14 -14.95 12.28
C LYS A 39 10.10 -14.74 11.19
N ILE A 40 8.84 -14.93 11.56
CA ILE A 40 7.74 -14.64 10.67
C ILE A 40 7.47 -13.13 10.66
N LEU A 41 7.46 -12.55 9.47
CA LEU A 41 7.25 -11.11 9.31
C LEU A 41 5.78 -10.83 8.97
N GLY A 42 5.06 -11.82 8.46
CA GLY A 42 3.70 -11.60 8.03
C GLY A 42 2.98 -12.88 7.62
N GLU A 43 1.67 -12.88 7.80
CA GLU A 43 0.89 -14.05 7.45
C GLU A 43 -0.33 -13.65 6.68
N GLY A 44 -0.57 -14.32 5.57
CA GLY A 44 -1.78 -14.05 4.82
C GLY A 44 -2.56 -15.36 4.66
N SER A 45 -3.68 -15.27 3.96
CA SER A 45 -4.48 -16.46 3.71
C SER A 45 -3.70 -17.51 2.95
N PHE A 46 -2.85 -17.09 2.03
CA PHE A 46 -2.16 -18.04 1.16
C PHE A 46 -0.66 -17.98 1.22
N SER A 47 -0.13 -17.21 2.15
CA SER A 47 1.30 -17.07 2.19
C SER A 47 1.78 -16.74 3.56
N THR A 48 3.09 -16.84 3.73
CA THR A 48 3.76 -16.47 4.96
C THR A 48 5.07 -15.81 4.55
N VAL A 49 5.39 -14.71 5.21
CA VAL A 49 6.60 -13.98 4.91
C VAL A 49 7.59 -14.20 6.06
N VAL A 50 8.78 -14.67 5.71
CA VAL A 50 9.78 -15.00 6.73
C VAL A 50 11.04 -14.21 6.43
N LEU A 51 11.67 -13.71 7.48
CA LEU A 51 12.97 -13.07 7.36
C LEU A 51 14.01 -14.14 7.16
N ALA A 52 14.89 -13.93 6.19
CA ALA A 52 15.94 -14.87 5.88
C ALA A 52 17.23 -14.12 5.57
N ARG A 53 18.35 -14.70 6.00
CA ARG A 53 19.63 -14.13 5.63
C ARG A 53 20.30 -15.00 4.59
N GLU A 54 20.65 -14.39 3.48
CA GLU A 54 21.36 -15.12 2.47
C GLU A 54 22.78 -15.38 2.99
N LEU A 55 23.18 -16.65 3.02
CA LEU A 55 24.43 -16.99 3.71
C LEU A 55 25.63 -16.38 3.01
N ALA A 56 25.69 -16.53 1.69
CA ALA A 56 26.84 -16.01 0.95
C ALA A 56 27.06 -14.48 1.04
N THR A 57 26.05 -13.72 1.42
CA THR A 57 26.14 -12.27 1.33
C THR A 57 25.89 -11.56 2.64
N SER A 58 25.30 -12.27 3.60
CA SER A 58 24.78 -11.67 4.82
C SER A 58 23.56 -10.74 4.56
N ARG A 59 23.05 -10.74 3.34
CA ARG A 59 21.92 -9.88 2.99
C ARG A 59 20.60 -10.37 3.58
N GLU A 60 19.80 -9.46 4.09
CA GLU A 60 18.47 -9.85 4.57
C GLU A 60 17.37 -9.66 3.56
N TYR A 61 16.49 -10.65 3.51
CA TYR A 61 15.36 -10.60 2.62
C TYR A 61 14.10 -11.01 3.34
N ALA A 62 12.97 -10.50 2.86
CA ALA A 62 11.68 -10.93 3.34
C ALA A 62 11.23 -11.97 2.32
N ILE A 63 11.31 -13.24 2.68
CA ILE A 63 10.94 -14.26 1.72
C ILE A 63 9.48 -14.64 1.90
N LYS A 64 8.67 -14.32 0.89
CA LYS A 64 7.29 -14.73 0.88
C LYS A 64 7.18 -16.19 0.39
N ILE A 65 6.65 -17.05 1.27
CA ILE A 65 6.55 -18.46 1.00
C ILE A 65 5.10 -18.87 0.72
N LEU A 66 4.89 -19.55 -0.40
CA LEU A 66 3.55 -19.98 -0.80
C LEU A 66 3.51 -21.48 -1.04
N GLU A 67 2.46 -22.12 -0.57
CA GLU A 67 2.35 -23.55 -0.82
C GLU A 67 1.67 -23.79 -2.18
N LYS A 68 2.41 -24.35 -3.14
CA LYS A 68 1.84 -24.63 -4.47
C LYS A 68 0.41 -25.27 -4.44
N ARG A 69 0.27 -26.39 -3.75
CA ARG A 69 -0.99 -27.13 -3.68
C ARG A 69 -2.18 -26.29 -3.21
N HIS A 70 -1.95 -25.50 -2.16
CA HIS A 70 -2.97 -24.64 -1.60
C HIS A 70 -3.39 -23.53 -2.57
N ILE A 71 -2.43 -23.00 -3.30
CA ILE A 71 -2.71 -21.99 -4.31
C ILE A 71 -3.57 -22.53 -5.44
N ILE A 72 -3.24 -23.73 -5.89
CA ILE A 72 -3.95 -24.37 -6.97
C ILE A 72 -5.33 -24.74 -6.45
N LYS A 73 -5.33 -25.43 -5.33
CA LYS A 73 -6.56 -25.83 -4.69
C LYS A 73 -7.52 -24.65 -4.56
N GLU A 74 -7.01 -23.45 -4.32
CA GLU A 74 -7.90 -22.30 -4.08
C GLU A 74 -8.08 -21.36 -5.30
N ASN A 75 -7.58 -21.79 -6.45
CA ASN A 75 -7.62 -20.96 -7.68
C ASN A 75 -6.98 -19.59 -7.52
N LYS A 76 -5.79 -19.58 -6.92
CA LYS A 76 -5.13 -18.33 -6.66
C LYS A 76 -3.95 -18.10 -7.60
N VAL A 77 -3.77 -18.99 -8.58
CA VAL A 77 -2.63 -18.84 -9.46
C VAL A 77 -2.57 -17.47 -10.14
N PRO A 78 -3.72 -16.96 -10.60
CA PRO A 78 -3.65 -15.63 -11.25
C PRO A 78 -3.12 -14.56 -10.30
N TYR A 79 -3.44 -14.63 -9.02
CA TYR A 79 -3.00 -13.62 -8.06
C TYR A 79 -1.49 -13.66 -7.84
N VAL A 80 -0.96 -14.86 -7.65
CA VAL A 80 0.45 -15.04 -7.39
C VAL A 80 1.24 -14.60 -8.61
N THR A 81 0.75 -15.00 -9.78
CA THR A 81 1.32 -14.58 -11.04
C THR A 81 1.29 -13.06 -11.18
N ARG A 82 0.13 -12.48 -10.96
CA ARG A 82 -0.03 -11.02 -10.99
C ARG A 82 1.01 -10.33 -10.09
N GLU A 83 1.17 -10.84 -8.87
CA GLU A 83 2.18 -10.26 -7.97
C GLU A 83 3.61 -10.37 -8.49
N ARG A 84 4.02 -11.57 -8.90
CA ARG A 84 5.36 -11.75 -9.41
C ARG A 84 5.58 -10.79 -10.57
N ASP A 85 4.58 -10.68 -11.44
CA ASP A 85 4.74 -9.86 -12.63
C ASP A 85 4.85 -8.38 -12.30
N VAL A 86 4.04 -7.91 -11.35
CA VAL A 86 4.03 -6.50 -11.03
C VAL A 86 5.29 -6.13 -10.26
N MET A 87 5.61 -6.91 -9.24
CA MET A 87 6.67 -6.57 -8.33
C MET A 87 8.05 -6.68 -8.97
N SER A 88 8.11 -7.42 -10.08
CA SER A 88 9.33 -7.49 -10.87
C SER A 88 9.56 -6.20 -11.65
N ARG A 89 8.50 -5.64 -12.23
CA ARG A 89 8.58 -4.43 -13.05
C ARG A 89 8.64 -3.11 -12.29
N LEU A 90 8.47 -3.16 -10.98
CA LEU A 90 8.49 -1.94 -10.18
C LEU A 90 9.92 -1.61 -9.90
N ASP A 91 10.31 -0.37 -10.20
CA ASP A 91 11.69 0.05 -10.00
C ASP A 91 11.73 1.46 -9.42
N HIS A 92 11.33 1.56 -8.17
CA HIS A 92 11.12 2.83 -7.53
C HIS A 92 11.27 2.61 -6.04
N PRO A 93 11.97 3.52 -5.37
CA PRO A 93 12.29 3.37 -3.95
C PRO A 93 11.09 3.15 -3.01
N PHE A 94 9.88 3.61 -3.35
CA PHE A 94 8.76 3.52 -2.40
C PHE A 94 8.00 2.20 -2.50
N PHE A 95 8.61 1.20 -3.12
CA PHE A 95 7.96 -0.09 -3.30
C PHE A 95 8.86 -1.21 -2.90
N VAL A 96 8.31 -2.20 -2.20
CA VAL A 96 9.00 -3.46 -1.95
C VAL A 96 9.35 -4.07 -3.30
N LYS A 97 10.58 -4.57 -3.43
CA LYS A 97 11.07 -5.07 -4.70
C LYS A 97 11.09 -6.61 -4.67
N LEU A 98 10.73 -7.24 -5.79
CA LEU A 98 10.91 -8.67 -5.94
C LEU A 98 12.28 -8.90 -6.57
N TYR A 99 13.15 -9.58 -5.84
CA TYR A 99 14.53 -9.76 -6.27
C TYR A 99 14.80 -11.08 -6.94
N PHE A 100 14.01 -12.09 -6.62
CA PHE A 100 14.20 -13.42 -7.17
C PHE A 100 13.06 -14.34 -6.73
N THR A 101 12.96 -15.46 -7.40
CA THR A 101 11.98 -16.48 -7.05
C THR A 101 12.67 -17.83 -7.19
N PHE A 102 12.21 -18.81 -6.45
CA PHE A 102 12.55 -20.17 -6.73
C PHE A 102 11.49 -21.02 -6.07
N GLN A 103 11.59 -22.32 -6.26
CA GLN A 103 10.65 -23.23 -5.63
C GLN A 103 11.32 -24.52 -5.21
N ASP A 104 10.67 -25.27 -4.33
CA ASP A 104 11.05 -26.65 -4.14
C ASP A 104 9.88 -27.55 -4.53
N ASP A 105 9.86 -28.77 -4.04
CA ASP A 105 8.72 -29.66 -4.31
C ASP A 105 7.37 -29.04 -3.99
N GLU A 106 7.23 -28.43 -2.81
CA GLU A 106 5.93 -27.93 -2.40
C GLU A 106 5.75 -26.42 -2.40
N LYS A 107 6.85 -25.68 -2.41
CA LYS A 107 6.75 -24.25 -2.14
C LYS A 107 7.28 -23.30 -3.21
N LEU A 108 6.65 -22.13 -3.28
CA LEU A 108 7.13 -20.97 -4.01
C LEU A 108 7.75 -19.98 -3.04
N TYR A 109 8.90 -19.42 -3.41
CA TYR A 109 9.59 -18.44 -2.60
C TYR A 109 9.77 -17.17 -3.41
N PHE A 110 9.33 -16.04 -2.88
CA PHE A 110 9.58 -14.75 -3.51
C PHE A 110 10.53 -13.98 -2.61
N GLY A 111 11.69 -13.58 -3.14
CA GLY A 111 12.62 -12.80 -2.38
C GLY A 111 12.28 -11.32 -2.43
N LEU A 112 11.81 -10.78 -1.31
CA LEU A 112 11.39 -9.38 -1.28
C LEU A 112 12.32 -8.51 -0.47
N SER A 113 12.30 -7.22 -0.80
CA SER A 113 12.81 -6.19 0.09
C SER A 113 12.39 -6.46 1.51
N TYR A 114 13.36 -6.36 2.43
CA TYR A 114 13.06 -6.38 3.87
C TYR A 114 12.87 -4.96 4.40
N ALA A 115 11.66 -4.64 4.79
CA ALA A 115 11.38 -3.34 5.34
C ALA A 115 11.42 -3.48 6.86
N LYS A 116 12.56 -3.14 7.44
CA LYS A 116 12.85 -3.47 8.83
C LYS A 116 11.87 -2.91 9.86
N ASN A 117 11.33 -1.73 9.63
CA ASN A 117 10.44 -1.12 10.60
C ASN A 117 8.97 -1.54 10.49
N GLY A 118 8.67 -2.46 9.57
CA GLY A 118 7.34 -3.02 9.46
C GLY A 118 6.24 -2.04 9.03
N GLU A 119 5.01 -2.25 9.53
CA GLU A 119 3.82 -1.59 8.99
C GLU A 119 3.59 -0.17 9.48
N LEU A 120 3.16 0.69 8.57
CA LEU A 120 2.66 2.01 8.94
C LEU A 120 1.59 1.93 10.04
N LEU A 121 0.78 0.87 10.00
CA LEU A 121 -0.24 0.65 11.02
C LEU A 121 0.33 0.60 12.43
N LYS A 122 1.49 -0.05 12.57
CA LYS A 122 2.19 -0.15 13.85
C LYS A 122 2.42 1.26 14.38
N TYR A 123 2.83 2.17 13.52
CA TYR A 123 3.12 3.53 13.99
C TYR A 123 1.90 4.36 14.31
N ILE A 124 0.83 4.22 13.53
CA ILE A 124 -0.41 4.90 13.88
C ILE A 124 -0.85 4.47 15.29
N ARG A 125 -0.89 3.16 15.54
CA ARG A 125 -1.20 2.62 16.87
C ARG A 125 -0.22 3.13 17.93
N LYS A 126 1.07 2.94 17.69
CA LYS A 126 2.10 3.34 18.65
C LYS A 126 1.88 4.76 19.14
N ILE A 127 1.79 5.71 18.21
CA ILE A 127 1.81 7.11 18.58
C ILE A 127 0.42 7.76 18.58
N GLY A 128 -0.58 6.99 18.19
CA GLY A 128 -1.95 7.48 18.22
C GLY A 128 -2.40 8.12 16.91
N SER A 129 -1.82 9.25 16.58
CA SER A 129 -2.15 9.95 15.36
C SER A 129 -0.98 10.87 15.08
N PHE A 130 -0.73 11.17 13.80
CA PHE A 130 0.46 11.94 13.41
C PHE A 130 0.26 13.45 13.52
N ASP A 131 1.35 14.19 13.69
CA ASP A 131 1.26 15.65 13.63
C ASP A 131 1.31 16.03 12.16
N GLU A 132 1.13 17.32 11.89
CA GLU A 132 0.95 17.82 10.53
C GLU A 132 2.19 17.59 9.65
N THR A 133 3.36 17.76 10.25
CA THR A 133 4.63 17.55 9.57
C THR A 133 4.81 16.11 9.10
N CYS A 134 4.54 15.16 9.97
CA CYS A 134 4.64 13.76 9.59
C CYS A 134 3.53 13.31 8.64
N THR A 135 2.31 13.80 8.89
CA THR A 135 1.20 13.53 7.98
C THR A 135 1.52 14.01 6.56
N ARG A 136 1.97 15.26 6.47
CA ARG A 136 2.33 15.85 5.20
C ARG A 136 3.45 15.03 4.52
N PHE A 137 4.49 14.72 5.27
CA PHE A 137 5.60 14.01 4.67
C PHE A 137 5.19 12.62 4.18
N TYR A 138 4.54 11.84 5.04
CA TYR A 138 4.21 10.48 4.65
C TYR A 138 3.11 10.37 3.60
N THR A 139 2.16 11.31 3.64
CA THR A 139 1.18 11.45 2.55
C THR A 139 1.86 11.76 1.23
N ALA A 140 2.77 12.73 1.24
CA ALA A 140 3.50 13.07 0.03
C ALA A 140 4.22 11.83 -0.56
N GLU A 141 4.80 10.98 0.29
CA GLU A 141 5.50 9.81 -0.24
C GLU A 141 4.49 8.83 -0.89
N ILE A 142 3.36 8.64 -0.24
CA ILE A 142 2.34 7.75 -0.79
C ILE A 142 1.84 8.26 -2.12
N VAL A 143 1.54 9.55 -2.16
CA VAL A 143 1.09 10.19 -3.39
C VAL A 143 2.14 9.98 -4.48
N SER A 144 3.40 10.21 -4.11
CA SER A 144 4.49 10.13 -5.05
C SER A 144 4.63 8.69 -5.53
N ALA A 145 4.37 7.74 -4.62
CA ALA A 145 4.34 6.32 -4.98
C ALA A 145 3.19 5.97 -5.97
N LEU A 146 2.00 6.47 -5.67
CA LEU A 146 0.82 6.19 -6.50
C LEU A 146 1.03 6.78 -7.88
N GLU A 147 1.65 7.96 -7.92
CA GLU A 147 1.95 8.56 -9.22
C GLU A 147 2.82 7.64 -10.06
N TYR A 148 3.80 7.00 -9.42
CA TYR A 148 4.65 6.11 -10.18
C TYR A 148 3.87 4.89 -10.64
N LEU A 149 3.11 4.33 -9.72
CA LEU A 149 2.38 3.11 -9.97
C LEU A 149 1.37 3.37 -11.07
N HIS A 150 0.63 4.48 -10.95
CA HIS A 150 -0.42 4.77 -11.91
C HIS A 150 0.13 5.11 -13.28
N GLY A 151 1.31 5.72 -13.32
CA GLY A 151 1.99 5.98 -14.59
C GLY A 151 2.34 4.72 -15.34
N LYS A 152 2.40 3.58 -14.66
CA LYS A 152 2.70 2.32 -15.34
C LYS A 152 1.44 1.52 -15.65
N GLY A 153 0.29 2.17 -15.49
CA GLY A 153 -0.99 1.51 -15.70
C GLY A 153 -1.32 0.45 -14.67
N ILE A 154 -0.88 0.65 -13.42
CA ILE A 154 -1.12 -0.35 -12.39
C ILE A 154 -1.91 0.24 -11.24
N ILE A 155 -2.93 -0.49 -10.83
CA ILE A 155 -3.79 -0.07 -9.74
C ILE A 155 -3.60 -1.07 -8.63
N HIS A 156 -3.33 -0.57 -7.44
CA HIS A 156 -3.02 -1.43 -6.30
C HIS A 156 -4.26 -2.24 -5.88
N ARG A 157 -5.37 -1.52 -5.70
CA ARG A 157 -6.67 -2.08 -5.33
C ARG A 157 -6.82 -2.47 -3.87
N ASP A 158 -5.72 -2.54 -3.13
CA ASP A 158 -5.87 -2.91 -1.74
C ASP A 158 -4.91 -2.13 -0.84
N LEU A 159 -4.75 -0.86 -1.17
CA LEU A 159 -3.85 0.03 -0.43
C LEU A 159 -4.33 0.30 1.00
N LYS A 160 -3.41 0.23 1.96
CA LYS A 160 -3.77 0.38 3.37
C LYS A 160 -2.54 0.42 4.30
N PRO A 161 -2.71 0.97 5.51
CA PRO A 161 -1.58 1.14 6.42
C PRO A 161 -0.89 -0.18 6.73
N GLU A 162 -1.63 -1.27 6.54
CA GLU A 162 -1.06 -2.59 6.77
C GLU A 162 -0.05 -3.00 5.68
N ASN A 163 -0.18 -2.49 4.45
CA ASN A 163 0.79 -2.87 3.40
C ASN A 163 1.66 -1.72 2.91
N ILE A 164 1.63 -0.63 3.65
CA ILE A 164 2.57 0.45 3.44
C ILE A 164 3.59 0.30 4.54
N LEU A 165 4.75 -0.22 4.20
CA LEU A 165 5.73 -0.56 5.20
C LEU A 165 6.79 0.52 5.35
N LEU A 166 7.61 0.39 6.36
CA LEU A 166 8.68 1.37 6.60
C LEU A 166 10.05 0.71 6.66
N ASN A 167 10.96 1.19 5.83
CA ASN A 167 12.29 0.60 5.87
C ASN A 167 13.07 1.16 7.04
N GLU A 168 14.29 0.66 7.16
CA GLU A 168 15.19 1.06 8.24
C GLU A 168 15.34 2.57 8.34
N ASP A 169 15.28 3.24 7.19
CA ASP A 169 15.42 4.70 7.16
C ASP A 169 14.10 5.45 7.28
N MET A 170 13.01 4.70 7.50
CA MET A 170 11.71 5.29 7.82
C MET A 170 11.08 5.96 6.60
N HIS A 171 11.50 5.51 5.43
CA HIS A 171 10.78 5.78 4.19
C HIS A 171 9.81 4.64 3.89
N ILE A 172 8.72 4.95 3.19
CA ILE A 172 7.72 3.91 2.91
C ILE A 172 8.19 2.96 1.82
N GLN A 173 7.65 1.75 1.89
CA GLN A 173 7.84 0.74 0.89
C GLN A 173 6.54 -0.03 0.83
N ILE A 174 5.83 0.17 -0.27
CA ILE A 174 4.52 -0.40 -0.41
C ILE A 174 4.61 -1.83 -0.94
N THR A 175 3.85 -2.74 -0.36
CA THR A 175 3.94 -4.14 -0.79
C THR A 175 2.55 -4.73 -1.11
N ASP A 176 2.51 -6.04 -1.33
CA ASP A 176 1.25 -6.80 -1.40
C ASP A 176 0.44 -6.50 -2.69
N PHE A 177 0.86 -7.14 -3.79
CA PHE A 177 0.36 -6.82 -5.12
C PHE A 177 -0.43 -7.88 -5.85
N GLY A 178 -0.76 -8.98 -5.20
CA GLY A 178 -1.51 -10.03 -5.87
C GLY A 178 -2.87 -9.54 -6.35
N THR A 179 -3.44 -8.56 -5.66
CA THR A 179 -4.76 -8.04 -6.03
C THR A 179 -4.69 -6.79 -6.89
N ALA A 180 -3.50 -6.49 -7.42
CA ALA A 180 -3.36 -5.32 -8.27
C ALA A 180 -4.02 -5.61 -9.62
N LYS A 181 -4.35 -4.56 -10.35
CA LYS A 181 -4.88 -4.72 -11.71
C LYS A 181 -3.99 -3.98 -12.71
N VAL A 182 -3.70 -4.61 -13.84
CA VAL A 182 -2.92 -3.93 -14.87
C VAL A 182 -3.83 -3.50 -16.00
N LEU A 183 -3.84 -2.20 -16.31
CA LEU A 183 -4.63 -1.70 -17.43
C LEU A 183 -3.86 -1.80 -18.74
N SER A 184 -4.57 -1.95 -19.85
CA SER A 184 -3.93 -2.00 -21.17
C SER A 184 -4.09 -0.69 -21.97
N PHE A 195 -12.89 -8.96 -7.23
CA PHE A 195 -12.46 -9.17 -5.84
C PHE A 195 -12.75 -7.92 -5.00
N VAL A 196 -12.62 -8.02 -3.66
CA VAL A 196 -12.82 -6.83 -2.80
C VAL A 196 -11.78 -6.65 -1.69
N GLY A 197 -11.10 -5.50 -1.69
CA GLY A 197 -10.06 -5.23 -0.70
C GLY A 197 -10.55 -5.06 0.72
N THR A 198 -9.69 -4.58 1.60
CA THR A 198 -10.07 -4.38 2.99
C THR A 198 -11.22 -3.38 3.20
N ALA A 199 -12.17 -3.74 4.06
CA ALA A 199 -13.48 -3.09 4.12
C ALA A 199 -13.44 -1.57 4.33
N GLN A 200 -12.60 -1.10 5.24
CA GLN A 200 -12.48 0.32 5.57
C GLN A 200 -12.03 1.19 4.41
N TYR A 201 -11.34 0.58 3.45
CA TYR A 201 -10.67 1.33 2.39
C TYR A 201 -11.30 1.05 1.02
N VAL A 202 -12.31 0.19 0.99
CA VAL A 202 -13.06 -0.08 -0.23
C VAL A 202 -13.73 1.17 -0.79
N SER A 203 -13.52 1.42 -2.08
CA SER A 203 -14.17 2.55 -2.76
C SER A 203 -15.61 2.20 -3.10
N PRO A 204 -16.44 3.23 -3.29
CA PRO A 204 -17.88 3.04 -3.54
C PRO A 204 -18.15 2.38 -4.88
N GLU A 205 -17.39 2.73 -5.91
CA GLU A 205 -17.53 2.09 -7.22
C GLU A 205 -17.42 0.57 -7.09
N LEU A 206 -16.58 0.13 -6.17
CA LEU A 206 -16.41 -1.28 -5.98
C LEU A 206 -17.67 -1.94 -5.43
N LEU A 207 -18.44 -1.21 -4.61
CA LEU A 207 -19.63 -1.76 -3.99
C LEU A 207 -20.85 -1.66 -4.89
N THR A 208 -20.81 -0.66 -5.77
CA THR A 208 -21.98 -0.34 -6.56
C THR A 208 -21.88 -0.82 -7.99
N GLU A 209 -20.72 -1.32 -8.41
CA GLU A 209 -20.64 -1.98 -9.73
C GLU A 209 -19.36 -2.73 -10.06
N LYS A 210 -18.74 -3.36 -9.07
CA LYS A 210 -17.69 -4.34 -9.29
C LYS A 210 -16.47 -3.84 -10.04
N SER A 211 -16.34 -2.52 -10.17
CA SER A 211 -15.23 -1.97 -10.93
C SER A 211 -14.15 -1.25 -10.08
N ALA A 212 -13.02 -0.98 -10.71
CA ALA A 212 -11.91 -0.34 -10.03
C ALA A 212 -11.10 0.47 -11.04
N CYS A 213 -10.70 1.66 -10.63
CA CYS A 213 -9.92 2.55 -11.47
C CYS A 213 -8.78 3.06 -10.62
N LYS A 214 -7.92 3.90 -11.18
CA LYS A 214 -6.89 4.54 -10.40
C LYS A 214 -7.51 5.32 -9.25
N SER A 215 -8.70 5.87 -9.50
CA SER A 215 -9.42 6.62 -8.48
C SER A 215 -9.68 5.81 -7.23
N SER A 216 -9.71 4.49 -7.37
CA SER A 216 -9.97 3.63 -6.23
C SER A 216 -8.80 3.74 -5.26
N ASP A 217 -7.59 3.79 -5.79
CA ASP A 217 -6.42 4.01 -4.95
C ASP A 217 -6.45 5.41 -4.30
N LEU A 218 -7.01 6.40 -5.00
CA LEU A 218 -7.06 7.77 -4.48
C LEU A 218 -8.07 7.87 -3.34
N TRP A 219 -9.16 7.13 -3.47
CA TRP A 219 -10.06 6.89 -2.35
C TRP A 219 -9.33 6.25 -1.16
N ALA A 220 -8.58 5.18 -1.41
CA ALA A 220 -7.80 4.58 -0.31
C ALA A 220 -6.86 5.63 0.35
N LEU A 221 -6.23 6.47 -0.48
CA LEU A 221 -5.36 7.52 0.00
C LEU A 221 -6.10 8.47 0.94
N GLY A 222 -7.31 8.86 0.53
CA GLY A 222 -8.14 9.74 1.33
C GLY A 222 -8.41 9.16 2.70
N CYS A 223 -8.73 7.87 2.74
CA CYS A 223 -8.95 7.18 3.99
C CYS A 223 -7.69 7.16 4.85
N ILE A 224 -6.57 6.86 4.21
CA ILE A 224 -5.30 6.77 4.93
C ILE A 224 -4.85 8.11 5.54
N ILE A 225 -5.00 9.21 4.80
CA ILE A 225 -4.70 10.52 5.36
C ILE A 225 -5.57 10.78 6.58
N TYR A 226 -6.87 10.46 6.44
CA TYR A 226 -7.80 10.69 7.52
C TYR A 226 -7.28 9.94 8.77
N GLN A 227 -6.90 8.69 8.56
CA GLN A 227 -6.44 7.85 9.64
C GLN A 227 -5.10 8.34 10.21
N LEU A 228 -4.25 8.94 9.39
CA LEU A 228 -3.01 9.46 9.98
C LEU A 228 -3.33 10.62 10.90
N VAL A 229 -4.31 11.43 10.49
CA VAL A 229 -4.64 12.62 11.24
C VAL A 229 -5.52 12.28 12.44
N ALA A 230 -6.58 11.50 12.19
CA ALA A 230 -7.55 11.21 13.23
C ALA A 230 -7.10 10.06 14.11
N GLY A 231 -6.28 9.16 13.59
CA GLY A 231 -5.88 7.99 14.34
C GLY A 231 -6.77 6.78 14.08
N LEU A 232 -7.86 6.99 13.34
CA LEU A 232 -8.79 5.93 12.99
C LEU A 232 -9.24 6.12 11.56
N PRO A 233 -9.65 5.03 10.90
CA PRO A 233 -10.18 5.17 9.53
C PRO A 233 -11.52 5.89 9.58
N PRO A 234 -11.90 6.57 8.49
CA PRO A 234 -13.10 7.39 8.59
C PRO A 234 -14.41 6.57 8.59
N PHE A 235 -14.38 5.39 7.99
CA PHE A 235 -15.56 4.55 7.93
C PHE A 235 -15.35 3.35 8.85
N ARG A 236 -16.15 3.31 9.90
CA ARG A 236 -16.00 2.33 10.97
C ARG A 236 -17.38 1.92 11.42
N ALA A 237 -17.56 0.63 11.68
CA ALA A 237 -18.82 0.14 12.21
C ALA A 237 -18.67 -1.28 12.77
N GLY A 238 -19.77 -1.84 13.26
CA GLY A 238 -19.73 -3.16 13.89
C GLY A 238 -19.27 -4.31 13.03
N ASN A 239 -19.55 -4.24 11.72
CA ASN A 239 -19.17 -5.31 10.81
C ASN A 239 -19.00 -4.76 9.41
N GLU A 240 -18.66 -5.63 8.47
CA GLU A 240 -18.36 -5.21 7.11
C GLU A 240 -19.57 -4.59 6.43
N TYR A 241 -20.73 -5.23 6.60
CA TYR A 241 -21.96 -4.74 5.98
C TYR A 241 -22.21 -3.29 6.35
N LEU A 242 -22.12 -3.01 7.64
CA LEU A 242 -22.38 -1.67 8.16
C LEU A 242 -21.37 -0.65 7.65
N ILE A 243 -20.13 -1.09 7.49
CA ILE A 243 -19.07 -0.24 6.97
C ILE A 243 -19.39 0.11 5.54
N PHE A 244 -19.74 -0.91 4.76
CA PHE A 244 -20.10 -0.69 3.36
C PHE A 244 -21.26 0.27 3.20
N GLN A 245 -22.17 0.23 4.17
CA GLN A 245 -23.36 1.03 4.08
C GLN A 245 -22.98 2.48 4.32
N LYS A 246 -22.12 2.72 5.29
CA LYS A 246 -21.59 4.07 5.49
C LYS A 246 -20.83 4.56 4.25
N ILE A 247 -20.05 3.69 3.64
CA ILE A 247 -19.29 4.09 2.45
C ILE A 247 -20.20 4.60 1.33
N ILE A 248 -21.24 3.84 0.97
CA ILE A 248 -22.05 4.27 -0.17
C ILE A 248 -22.90 5.52 0.15
N LYS A 249 -23.02 5.86 1.43
CA LYS A 249 -23.77 7.06 1.81
C LYS A 249 -22.81 8.17 2.16
N LEU A 250 -21.52 7.89 2.05
CA LEU A 250 -20.47 8.87 2.40
C LEU A 250 -20.67 9.35 3.84
N GLU A 251 -20.95 8.40 4.72
CA GLU A 251 -21.31 8.72 6.07
C GLU A 251 -20.09 8.65 7.01
N TYR A 252 -19.45 9.78 7.23
CA TYR A 252 -18.26 9.87 8.06
C TYR A 252 -18.16 11.34 8.43
N ASP A 253 -17.31 11.69 9.38
CA ASP A 253 -17.04 13.12 9.58
C ASP A 253 -15.72 13.36 10.29
N PHE A 254 -15.36 14.63 10.39
CA PHE A 254 -14.03 14.99 10.89
C PHE A 254 -14.07 15.31 12.37
N PRO A 255 -13.08 14.84 13.12
CA PRO A 255 -12.91 15.35 14.49
C PRO A 255 -12.53 16.82 14.42
N GLU A 256 -12.78 17.54 15.50
CA GLU A 256 -12.46 18.96 15.59
C GLU A 256 -10.98 19.24 15.30
N LYS A 257 -10.09 18.43 15.84
CA LYS A 257 -8.66 18.74 15.81
C LYS A 257 -8.03 18.61 14.40
N PHE A 258 -8.72 17.92 13.51
CA PHE A 258 -8.24 17.70 12.15
C PHE A 258 -7.64 18.94 11.44
N PHE A 259 -6.40 18.84 10.95
CA PHE A 259 -5.80 19.95 10.20
C PHE A 259 -6.68 20.36 9.01
N PRO A 260 -7.03 21.65 8.95
CA PRO A 260 -7.97 22.21 7.97
C PRO A 260 -7.57 21.94 6.53
N LYS A 261 -6.30 22.11 6.21
CA LYS A 261 -5.85 21.80 4.85
C LYS A 261 -5.91 20.30 4.57
N ALA A 262 -5.53 19.49 5.56
CA ALA A 262 -5.69 18.05 5.46
C ALA A 262 -7.16 17.72 5.23
N ARG A 263 -8.03 18.38 6.00
CA ARG A 263 -9.45 18.13 5.88
C ARG A 263 -9.90 18.47 4.48
N ASP A 264 -9.58 19.67 4.01
CA ASP A 264 -9.94 20.02 2.65
C ASP A 264 -9.44 19.02 1.60
N LEU A 265 -8.20 18.57 1.74
CA LEU A 265 -7.66 17.56 0.84
C LEU A 265 -8.46 16.25 0.92
N VAL A 266 -8.76 15.80 2.13
CA VAL A 266 -9.53 14.57 2.26
C VAL A 266 -10.91 14.68 1.59
N GLU A 267 -11.53 15.86 1.68
CA GLU A 267 -12.82 16.08 1.03
C GLU A 267 -12.71 16.05 -0.50
N LYS A 268 -11.52 16.30 -1.03
CA LYS A 268 -11.35 16.25 -2.48
C LYS A 268 -11.04 14.83 -2.96
N LEU A 269 -10.82 13.93 -2.01
CA LEU A 269 -10.50 12.54 -2.32
C LEU A 269 -11.67 11.60 -2.04
N LEU A 270 -12.35 11.84 -0.94
CA LEU A 270 -13.49 11.03 -0.54
C LEU A 270 -14.76 11.55 -1.23
N VAL A 271 -14.84 11.30 -2.53
CA VAL A 271 -15.93 11.80 -3.33
C VAL A 271 -16.58 10.57 -3.97
N LEU A 272 -17.88 10.43 -3.84
CA LEU A 272 -18.57 9.25 -4.37
C LEU A 272 -18.28 9.09 -5.85
N ASP A 273 -18.45 10.17 -6.59
CA ASP A 273 -18.12 10.18 -8.01
C ASP A 273 -16.60 10.07 -8.17
N ALA A 274 -16.15 8.94 -8.72
CA ALA A 274 -14.74 8.66 -8.89
C ALA A 274 -14.07 9.53 -9.93
N THR A 275 -14.84 10.08 -10.86
CA THR A 275 -14.25 10.96 -11.87
C THR A 275 -13.90 12.32 -11.29
N LYS A 276 -14.30 12.54 -10.04
CA LYS A 276 -14.14 13.85 -9.45
C LYS A 276 -13.16 13.90 -8.27
N ARG A 277 -12.37 12.85 -8.12
CA ARG A 277 -11.35 12.78 -7.08
C ARG A 277 -10.06 13.44 -7.56
N LEU A 278 -9.52 14.31 -6.71
CA LEU A 278 -8.31 15.02 -7.04
C LEU A 278 -7.24 13.98 -7.35
N GLY A 279 -6.59 14.13 -8.50
CA GLY A 279 -5.53 13.23 -8.89
C GLY A 279 -5.90 12.26 -9.99
N CYS A 280 -7.20 12.06 -10.21
CA CYS A 280 -7.62 11.15 -11.25
C CYS A 280 -7.57 11.90 -12.59
N GLU A 281 -7.59 11.13 -13.69
CA GLU A 281 -7.35 11.65 -15.04
C GLU A 281 -8.34 12.73 -15.46
N GLU A 282 -9.59 12.58 -15.06
CA GLU A 282 -10.62 13.57 -15.37
C GLU A 282 -10.45 14.84 -14.57
N MET A 283 -9.62 14.79 -13.54
CA MET A 283 -9.34 15.97 -12.74
C MET A 283 -7.96 16.47 -13.12
N GLU A 284 -7.43 15.93 -14.21
CA GLU A 284 -6.12 16.30 -14.74
C GLU A 284 -4.92 15.81 -13.92
N GLY A 285 -5.07 14.68 -13.23
CA GLY A 285 -3.92 13.96 -12.69
C GLY A 285 -3.25 14.52 -11.45
N TYR A 286 -1.97 14.21 -11.35
CA TYR A 286 -1.20 14.45 -10.14
C TYR A 286 -0.68 15.87 -9.94
N GLY A 287 -0.61 16.65 -11.02
CA GLY A 287 -0.24 18.05 -10.89
C GLY A 287 -1.11 18.82 -9.90
N PRO A 288 -2.42 18.87 -10.15
CA PRO A 288 -3.34 19.56 -9.24
C PRO A 288 -3.31 18.93 -7.84
N LEU A 289 -3.20 17.60 -7.78
CA LEU A 289 -3.11 16.93 -6.50
C LEU A 289 -1.88 17.41 -5.72
N LYS A 290 -0.71 17.32 -6.33
CA LYS A 290 0.53 17.77 -5.70
C LYS A 290 0.51 19.25 -5.41
N ALA A 291 -0.35 20.00 -6.10
CA ALA A 291 -0.39 21.43 -5.87
C ALA A 291 -1.38 21.80 -4.78
N HIS A 292 -1.96 20.82 -4.10
CA HIS A 292 -2.88 21.15 -3.04
C HIS A 292 -2.16 21.87 -1.92
N PRO A 293 -2.81 22.88 -1.33
CA PRO A 293 -2.21 23.72 -0.29
C PRO A 293 -1.67 22.91 0.90
N PHE A 294 -2.25 21.74 1.19
CA PHE A 294 -1.71 20.87 2.22
C PHE A 294 -0.25 20.51 1.96
N PHE A 295 0.16 20.51 0.69
CA PHE A 295 1.53 20.13 0.33
C PHE A 295 2.42 21.34 0.08
N GLU A 296 1.99 22.49 0.59
CA GLU A 296 2.68 23.77 0.39
C GLU A 296 4.19 23.63 0.55
N SER A 297 4.61 23.09 1.68
CA SER A 297 6.03 23.02 1.96
C SER A 297 6.73 21.76 1.44
N VAL A 298 6.13 21.03 0.52
CA VAL A 298 6.77 19.80 0.05
C VAL A 298 7.71 20.04 -1.15
N THR A 299 8.91 19.47 -1.09
CA THR A 299 9.73 19.30 -2.29
C THR A 299 9.52 17.89 -2.83
N TRP A 300 8.78 17.80 -3.94
CA TRP A 300 8.31 16.53 -4.47
C TRP A 300 9.38 15.70 -5.14
N GLU A 301 10.47 16.38 -5.50
CA GLU A 301 11.45 15.86 -6.43
C GLU A 301 12.35 14.73 -5.87
N ASN A 302 12.64 14.78 -4.58
CA ASN A 302 13.62 13.86 -4.00
C ASN A 302 13.23 13.45 -2.61
N LEU A 303 11.95 13.14 -2.44
CA LEU A 303 11.42 12.80 -1.12
C LEU A 303 12.26 11.71 -0.49
N HIS A 304 12.65 10.76 -1.32
CA HIS A 304 13.42 9.61 -0.88
C HIS A 304 14.78 10.01 -0.31
N GLN A 305 15.29 11.15 -0.77
CA GLN A 305 16.59 11.64 -0.33
C GLN A 305 16.43 12.50 0.91
N GLN A 306 15.21 12.94 1.17
CA GLN A 306 15.02 13.76 2.34
C GLN A 306 15.02 12.87 3.57
N THR A 307 15.28 13.48 4.72
CA THR A 307 15.25 12.83 6.02
C THR A 307 13.82 12.89 6.60
N PRO A 308 13.20 11.73 6.85
CA PRO A 308 11.82 11.77 7.35
C PRO A 308 11.70 12.49 8.71
N PRO A 309 10.62 13.25 8.90
CA PRO A 309 10.41 13.84 10.22
C PRO A 309 10.29 12.74 11.26
N LYS A 310 10.78 13.02 12.47
CA LYS A 310 10.73 12.06 13.55
C LYS A 310 9.30 11.88 14.03
N LEU A 311 8.93 10.63 14.29
CA LEU A 311 7.63 10.32 14.91
C LEU A 311 7.68 10.37 16.44
#